data_2NDC
#
_entry.id   2NDC
#
_entity_poly.entity_id   1
_entity_poly.type   'polypeptide(L)'
_entity_poly.pdbx_seq_one_letter_code
;GGLRSLGRKILRAWKKYG
;
_entity_poly.pdbx_strand_id   A
#
# COMPACT_ATOMS: atom_id res chain seq x y z
N GLY A 1 0.68 -3.67 7.00
CA GLY A 1 1.06 -2.34 6.47
C GLY A 1 1.86 -1.55 7.49
N GLY A 2 3.03 -1.08 7.08
CA GLY A 2 3.90 -0.36 7.99
C GLY A 2 4.69 0.72 7.28
N LEU A 3 5.89 0.99 7.80
CA LEU A 3 6.72 2.08 7.29
C LEU A 3 7.29 1.78 5.91
N ARG A 4 8.08 0.72 5.81
CA ARG A 4 8.77 0.40 4.56
C ARG A 4 7.84 -0.29 3.57
N SER A 5 6.80 -0.94 4.09
CA SER A 5 5.83 -1.64 3.27
C SER A 5 4.81 -0.66 2.68
N LEU A 6 4.78 0.54 3.24
CA LEU A 6 3.85 1.60 2.81
C LEU A 6 3.77 1.71 1.28
N GLY A 7 4.92 1.61 0.62
CA GLY A 7 4.95 1.68 -0.84
C GLY A 7 4.26 0.49 -1.50
N ARG A 8 4.52 -0.71 -0.99
CA ARG A 8 3.91 -1.90 -1.55
C ARG A 8 2.43 -1.98 -1.18
N LYS A 9 2.05 -1.26 -0.12
CA LYS A 9 0.65 -1.10 0.21
C LYS A 9 -0.08 -0.43 -0.95
N ILE A 10 0.58 0.56 -1.54
CA ILE A 10 0.06 1.24 -2.71
C ILE A 10 0.21 0.35 -3.94
N LEU A 11 1.31 -0.39 -3.98
CA LEU A 11 1.63 -1.28 -5.09
C LEU A 11 0.54 -2.33 -5.27
N ARG A 12 0.05 -2.90 -4.17
CA ARG A 12 -1.01 -3.91 -4.25
C ARG A 12 -2.32 -3.28 -4.73
N ALA A 13 -2.44 -1.96 -4.53
CA ALA A 13 -3.59 -1.18 -4.98
C ALA A 13 -4.91 -1.83 -4.57
N TRP A 14 -5.08 -1.98 -3.27
CA TRP A 14 -6.30 -2.51 -2.71
C TRP A 14 -7.50 -1.63 -3.08
N LYS A 15 -7.39 -0.34 -2.78
CA LYS A 15 -8.40 0.63 -3.20
C LYS A 15 -7.76 1.72 -4.05
N LYS A 16 -6.42 1.81 -3.99
CA LYS A 16 -5.63 2.74 -4.79
C LYS A 16 -6.00 4.20 -4.50
N TYR A 17 -5.43 4.73 -3.41
CA TYR A 17 -5.53 6.16 -3.07
C TYR A 17 -6.96 6.60 -2.74
N GLY A 18 -7.76 6.80 -3.77
CA GLY A 18 -9.03 7.44 -3.61
C GLY A 18 -10.12 6.73 -4.39
N GLY A 1 4.55 -6.09 6.01
CA GLY A 1 3.78 -5.35 7.04
C GLY A 1 4.61 -4.27 7.69
N GLY A 2 4.22 -3.02 7.49
CA GLY A 2 4.94 -1.90 8.08
C GLY A 2 5.15 -0.79 7.08
N LEU A 3 5.73 0.32 7.53
CA LEU A 3 5.98 1.46 6.65
C LEU A 3 7.10 1.17 5.65
N ARG A 4 7.87 0.12 5.89
CA ARG A 4 8.87 -0.32 4.92
C ARG A 4 8.17 -1.05 3.77
N SER A 5 6.98 -1.55 4.06
CA SER A 5 6.17 -2.28 3.10
C SER A 5 5.38 -1.33 2.18
N LEU A 6 5.27 -0.06 2.60
CA LEU A 6 4.36 0.92 1.98
C LEU A 6 4.29 0.80 0.45
N GLY A 7 5.44 0.72 -0.21
CA GLY A 7 5.46 0.59 -1.67
C GLY A 7 4.52 -0.51 -2.17
N ARG A 8 4.56 -1.66 -1.53
CA ARG A 8 3.71 -2.78 -1.90
C ARG A 8 2.39 -2.74 -1.11
N LYS A 9 2.40 -2.03 0.01
CA LYS A 9 1.22 -1.88 0.85
C LYS A 9 0.20 -0.98 0.16
N ILE A 10 0.68 -0.09 -0.69
CA ILE A 10 -0.21 0.72 -1.51
C ILE A 10 -0.62 -0.06 -2.75
N LEU A 11 0.30 -0.88 -3.24
CA LEU A 11 0.12 -1.67 -4.47
C LEU A 11 -1.09 -2.61 -4.36
N ARG A 12 -1.37 -3.09 -3.16
CA ARG A 12 -2.49 -3.99 -2.94
C ARG A 12 -3.83 -3.30 -3.12
N ALA A 13 -3.82 -1.96 -3.03
CA ALA A 13 -5.02 -1.14 -3.19
C ALA A 13 -6.16 -1.62 -2.29
N TRP A 14 -6.10 -1.22 -1.03
CA TRP A 14 -7.15 -1.55 -0.07
C TRP A 14 -8.48 -0.95 -0.51
N LYS A 15 -8.54 0.37 -0.50
CA LYS A 15 -9.71 1.11 -0.98
C LYS A 15 -9.30 2.03 -2.14
N LYS A 16 -8.01 1.97 -2.48
CA LYS A 16 -7.42 2.73 -3.60
C LYS A 16 -7.84 4.19 -3.59
N TYR A 17 -7.47 4.90 -2.52
CA TYR A 17 -7.66 6.35 -2.39
C TYR A 17 -9.13 6.73 -2.23
N GLY A 18 -9.90 6.62 -3.30
CA GLY A 18 -11.28 7.06 -3.28
C GLY A 18 -12.24 5.94 -2.96
N GLY A 1 2.36 -4.48 6.45
CA GLY A 1 3.33 -3.43 6.07
C GLY A 1 2.76 -2.03 6.24
N GLY A 2 3.63 -1.03 6.21
CA GLY A 2 3.18 0.34 6.40
C GLY A 2 4.20 1.37 5.93
N LEU A 3 5.06 1.80 6.85
CA LEU A 3 5.97 2.91 6.58
C LEU A 3 7.05 2.52 5.59
N ARG A 4 7.86 1.55 5.98
CA ARG A 4 8.99 1.12 5.16
C ARG A 4 8.51 0.15 4.08
N SER A 5 7.35 -0.40 4.30
CA SER A 5 6.71 -1.32 3.37
C SER A 5 6.00 -0.57 2.24
N LEU A 6 5.83 0.75 2.42
CA LEU A 6 4.98 1.59 1.58
C LEU A 6 5.03 1.23 0.09
N GLY A 7 6.21 1.05 -0.47
CA GLY A 7 6.32 0.68 -1.87
C GLY A 7 5.52 -0.58 -2.21
N ARG A 8 5.65 -1.57 -1.34
CA ARG A 8 4.92 -2.83 -1.50
C ARG A 8 3.46 -2.68 -1.13
N LYS A 9 3.17 -1.75 -0.22
CA LYS A 9 1.81 -1.52 0.22
C LYS A 9 0.99 -0.85 -0.88
N ILE A 10 1.62 0.09 -1.59
CA ILE A 10 0.98 0.75 -2.72
C ILE A 10 0.79 -0.23 -3.87
N LEU A 11 1.73 -1.17 -3.99
CA LEU A 11 1.66 -2.20 -5.02
C LEU A 11 0.38 -3.01 -4.88
N ARG A 12 -0.06 -3.21 -3.64
CA ARG A 12 -1.30 -3.92 -3.36
C ARG A 12 -2.51 -3.12 -3.88
N ALA A 13 -2.45 -1.80 -3.72
CA ALA A 13 -3.53 -0.90 -4.13
C ALA A 13 -4.86 -1.30 -3.50
N TRP A 14 -4.92 -1.20 -2.18
CA TRP A 14 -6.11 -1.58 -1.43
C TRP A 14 -7.30 -0.69 -1.79
N LYS A 15 -7.04 0.59 -2.02
CA LYS A 15 -8.08 1.53 -2.44
C LYS A 15 -7.75 2.16 -3.78
N LYS A 16 -6.48 2.01 -4.19
CA LYS A 16 -5.98 2.60 -5.44
C LYS A 16 -6.06 4.13 -5.38
N TYR A 17 -5.97 4.66 -4.16
CA TYR A 17 -6.06 6.11 -3.90
C TYR A 17 -7.46 6.65 -4.21
N GLY A 18 -8.20 6.94 -3.15
CA GLY A 18 -9.55 7.43 -3.29
C GLY A 18 -10.06 8.00 -1.99
N GLY A 1 1.95 -5.19 7.43
CA GLY A 1 2.85 -4.21 6.77
C GLY A 1 3.30 -3.13 7.73
N GLY A 2 3.39 -1.90 7.23
CA GLY A 2 3.82 -0.81 8.06
C GLY A 2 4.36 0.35 7.25
N LEU A 3 5.45 0.95 7.74
CA LEU A 3 6.02 2.15 7.13
C LEU A 3 6.67 1.84 5.78
N ARG A 4 7.68 0.98 5.79
CA ARG A 4 8.42 0.66 4.57
C ARG A 4 7.59 -0.21 3.63
N SER A 5 6.58 -0.85 4.18
CA SER A 5 5.70 -1.71 3.42
C SER A 5 4.75 -0.88 2.54
N LEU A 6 4.65 0.41 2.85
CA LEU A 6 3.74 1.34 2.16
C LEU A 6 3.70 1.11 0.65
N GLY A 7 4.86 1.10 0.00
CA GLY A 7 4.93 0.97 -1.44
C GLY A 7 4.23 -0.27 -1.97
N ARG A 8 4.26 -1.35 -1.20
CA ARG A 8 3.64 -2.60 -1.60
C ARG A 8 2.19 -2.64 -1.12
N LYS A 9 1.92 -1.93 -0.03
CA LYS A 9 0.56 -1.84 0.51
C LYS A 9 -0.33 -1.07 -0.45
N ILE A 10 0.24 -0.07 -1.11
CA ILE A 10 -0.49 0.71 -2.09
C ILE A 10 -0.75 -0.13 -3.35
N LEU A 11 0.18 -1.04 -3.63
CA LEU A 11 0.15 -1.82 -4.86
C LEU A 11 -1.10 -2.70 -4.95
N ARG A 12 -1.55 -3.23 -3.81
CA ARG A 12 -2.72 -4.10 -3.79
C ARG A 12 -4.00 -3.31 -4.11
N ALA A 13 -3.91 -1.99 -3.95
CA ALA A 13 -5.02 -1.07 -4.24
C ALA A 13 -6.29 -1.46 -3.50
N TRP A 14 -6.40 -1.01 -2.26
CA TRP A 14 -7.60 -1.26 -1.46
C TRP A 14 -8.78 -0.52 -2.06
N LYS A 15 -8.76 0.80 -1.95
CA LYS A 15 -9.74 1.66 -2.60
C LYS A 15 -9.05 2.63 -3.55
N LYS A 16 -7.74 2.40 -3.75
CA LYS A 16 -6.93 3.15 -4.71
C LYS A 16 -7.11 4.66 -4.55
N TYR A 17 -6.68 5.17 -3.40
CA TYR A 17 -6.72 6.60 -3.09
C TYR A 17 -8.09 7.22 -3.39
N GLY A 18 -9.11 6.71 -2.73
CA GLY A 18 -10.42 7.27 -2.85
C GLY A 18 -10.79 8.08 -1.63
N GLY A 1 4.37 -4.40 7.44
CA GLY A 1 4.74 -3.53 8.58
C GLY A 1 4.32 -2.09 8.39
N GLY A 2 3.62 -1.81 7.29
CA GLY A 2 3.08 -0.49 7.08
C GLY A 2 4.09 0.51 6.55
N LEU A 3 4.95 1.01 7.45
CA LEU A 3 5.84 2.13 7.13
C LEU A 3 6.69 1.87 5.89
N ARG A 4 7.55 0.87 5.96
CA ARG A 4 8.42 0.54 4.82
C ARG A 4 7.68 -0.32 3.80
N SER A 5 6.58 -0.90 4.24
CA SER A 5 5.78 -1.78 3.40
C SER A 5 4.93 -0.98 2.42
N LEU A 6 4.80 0.32 2.69
CA LEU A 6 3.93 1.24 1.93
C LEU A 6 3.96 0.98 0.42
N GLY A 7 5.16 0.87 -0.15
CA GLY A 7 5.28 0.66 -1.59
C GLY A 7 4.55 -0.59 -2.07
N ARG A 8 4.62 -1.65 -1.27
CA ARG A 8 3.97 -2.92 -1.62
C ARG A 8 2.54 -2.95 -1.09
N LYS A 9 2.27 -2.08 -0.12
CA LYS A 9 0.95 -1.92 0.44
C LYS A 9 -0.04 -1.42 -0.62
N ILE A 10 0.48 -0.63 -1.56
CA ILE A 10 -0.34 -0.04 -2.61
C ILE A 10 -0.75 -1.10 -3.64
N LEU A 11 0.00 -2.19 -3.68
CA LEU A 11 -0.17 -3.22 -4.72
C LEU A 11 -1.58 -3.82 -4.68
N ARG A 12 -2.10 -4.06 -3.48
CA ARG A 12 -3.41 -4.67 -3.34
C ARG A 12 -4.53 -3.71 -3.73
N ALA A 13 -4.23 -2.41 -3.68
CA ALA A 13 -5.19 -1.37 -4.06
C ALA A 13 -6.53 -1.53 -3.37
N TRP A 14 -6.55 -1.22 -2.08
CA TRP A 14 -7.78 -1.23 -1.30
C TRP A 14 -8.82 -0.32 -1.96
N LYS A 15 -8.48 0.96 -2.04
CA LYS A 15 -9.30 1.94 -2.74
C LYS A 15 -8.56 2.50 -3.95
N LYS A 16 -7.30 2.08 -4.10
CA LYS A 16 -6.43 2.54 -5.19
C LYS A 16 -6.29 4.07 -5.14
N TYR A 17 -6.27 4.59 -3.91
CA TYR A 17 -6.20 6.05 -3.68
C TYR A 17 -7.37 6.76 -4.34
N GLY A 18 -8.56 6.51 -3.83
CA GLY A 18 -9.74 7.19 -4.32
C GLY A 18 -10.15 8.30 -3.38
N GLY A 1 2.17 -6.32 6.32
CA GLY A 1 2.36 -5.04 5.61
C GLY A 1 2.55 -3.87 6.55
N GLY A 2 3.78 -3.41 6.68
CA GLY A 2 4.08 -2.34 7.61
C GLY A 2 4.74 -1.16 6.92
N LEU A 3 5.47 -0.36 7.70
CA LEU A 3 6.08 0.86 7.20
C LEU A 3 7.12 0.58 6.13
N ARG A 4 7.96 -0.44 6.34
CA ARG A 4 8.97 -0.80 5.35
C ARG A 4 8.34 -1.55 4.18
N SER A 5 7.16 -2.09 4.40
CA SER A 5 6.44 -2.82 3.38
C SER A 5 5.79 -1.85 2.40
N LEU A 6 5.66 -0.59 2.84
CA LEU A 6 4.97 0.47 2.08
C LEU A 6 5.29 0.41 0.58
N GLY A 7 6.55 0.16 0.25
CA GLY A 7 6.95 0.07 -1.15
C GLY A 7 6.02 -0.80 -1.98
N ARG A 8 5.83 -2.05 -1.57
CA ARG A 8 4.96 -2.97 -2.29
C ARG A 8 3.53 -2.92 -1.73
N LYS A 9 3.39 -2.44 -0.50
CA LYS A 9 2.09 -2.37 0.18
C LYS A 9 1.11 -1.48 -0.59
N ILE A 10 1.65 -0.54 -1.36
CA ILE A 10 0.84 0.37 -2.16
C ILE A 10 0.28 -0.32 -3.40
N LEU A 11 1.08 -1.23 -3.97
CA LEU A 11 0.75 -1.86 -5.26
C LEU A 11 -0.55 -2.64 -5.22
N ARG A 12 -0.87 -3.20 -4.06
CA ARG A 12 -2.08 -4.02 -3.93
C ARG A 12 -3.34 -3.17 -4.12
N ALA A 13 -3.22 -1.87 -3.87
CA ALA A 13 -4.34 -0.94 -3.95
C ALA A 13 -5.49 -1.40 -3.07
N TRP A 14 -5.39 -1.11 -1.77
CA TRP A 14 -6.42 -1.48 -0.80
C TRP A 14 -7.76 -0.90 -1.23
N LYS A 15 -7.89 0.41 -1.13
CA LYS A 15 -9.03 1.12 -1.70
C LYS A 15 -8.53 2.12 -2.74
N LYS A 16 -7.23 2.06 -3.02
CA LYS A 16 -6.58 2.87 -4.05
C LYS A 16 -6.78 4.37 -3.82
N TYR A 17 -6.35 4.84 -2.64
CA TYR A 17 -6.32 6.27 -2.30
C TYR A 17 -7.71 6.87 -2.12
N GLY A 18 -8.51 6.86 -3.19
CA GLY A 18 -9.84 7.42 -3.11
C GLY A 18 -10.88 6.50 -3.73
N GLY A 1 4.76 -5.67 5.95
CA GLY A 1 3.98 -4.62 5.25
C GLY A 1 3.69 -3.43 6.15
N GLY A 2 4.71 -2.65 6.44
CA GLY A 2 4.54 -1.50 7.32
C GLY A 2 5.42 -0.33 6.96
N LEU A 3 6.45 -0.09 7.76
CA LEU A 3 7.29 1.10 7.62
C LEU A 3 8.12 1.08 6.34
N ARG A 4 9.00 0.08 6.21
CA ARG A 4 9.88 0.00 5.05
C ARG A 4 9.15 -0.62 3.87
N SER A 5 8.08 -1.32 4.15
CA SER A 5 7.26 -1.95 3.12
C SER A 5 6.33 -0.94 2.47
N LEU A 6 6.17 0.22 3.13
CA LEU A 6 5.17 1.24 2.77
C LEU A 6 5.01 1.40 1.26
N GLY A 7 6.12 1.57 0.54
CA GLY A 7 6.07 1.74 -0.90
C GLY A 7 5.36 0.59 -1.60
N ARG A 8 5.78 -0.63 -1.28
CA ARG A 8 5.21 -1.83 -1.89
C ARG A 8 3.83 -2.13 -1.33
N LYS A 9 3.56 -1.63 -0.12
CA LYS A 9 2.27 -1.84 0.54
C LYS A 9 1.14 -1.16 -0.23
N ILE A 10 1.50 -0.14 -1.01
CA ILE A 10 0.53 0.59 -1.82
C ILE A 10 0.13 -0.23 -3.05
N LEU A 11 1.05 -1.07 -3.52
CA LEU A 11 0.89 -1.80 -4.78
C LEU A 11 -0.30 -2.75 -4.74
N ARG A 12 -0.66 -3.24 -3.56
CA ARG A 12 -1.76 -4.18 -3.43
C ARG A 12 -3.10 -3.52 -3.75
N ALA A 13 -3.15 -2.19 -3.60
CA ALA A 13 -4.37 -1.42 -3.82
C ALA A 13 -5.50 -1.97 -2.96
N TRP A 14 -5.48 -1.62 -1.68
CA TRP A 14 -6.52 -2.01 -0.74
C TRP A 14 -7.87 -1.51 -1.22
N LYS A 15 -7.98 -0.21 -1.36
CA LYS A 15 -9.17 0.40 -1.93
C LYS A 15 -8.79 1.20 -3.19
N LYS A 16 -7.50 1.49 -3.30
CA LYS A 16 -6.93 2.16 -4.47
C LYS A 16 -7.55 3.54 -4.72
N TYR A 17 -7.37 4.45 -3.74
CA TYR A 17 -7.71 5.86 -3.90
C TYR A 17 -9.15 6.09 -4.37
N GLY A 18 -10.02 5.16 -4.02
CA GLY A 18 -11.40 5.30 -4.42
C GLY A 18 -12.32 5.26 -3.22
N GLY A 1 5.37 -4.27 9.92
CA GLY A 1 5.65 -3.58 8.64
C GLY A 1 5.28 -2.12 8.70
N GLY A 2 4.64 -1.62 7.64
CA GLY A 2 4.20 -0.24 7.64
C GLY A 2 5.12 0.66 6.84
N LEU A 3 6.06 1.29 7.53
CA LEU A 3 6.98 2.23 6.89
C LEU A 3 7.87 1.52 5.88
N ARG A 4 8.42 0.39 6.31
CA ARG A 4 9.28 -0.42 5.44
C ARG A 4 8.45 -1.10 4.36
N SER A 5 7.19 -1.32 4.67
CA SER A 5 6.27 -1.98 3.75
C SER A 5 5.75 -1.02 2.69
N LEU A 6 5.89 0.29 2.95
CA LEU A 6 5.23 1.34 2.16
C LEU A 6 5.20 1.06 0.66
N GLY A 7 6.37 0.79 0.07
CA GLY A 7 6.43 0.55 -1.37
C GLY A 7 5.57 -0.62 -1.81
N ARG A 8 5.60 -1.69 -1.03
CA ARG A 8 4.86 -2.91 -1.38
C ARG A 8 3.42 -2.84 -0.86
N LYS A 9 3.19 -2.01 0.15
CA LYS A 9 1.86 -1.82 0.71
C LYS A 9 0.94 -1.23 -0.36
N ILE A 10 1.54 -0.46 -1.27
CA ILE A 10 0.80 0.20 -2.34
C ILE A 10 0.36 -0.81 -3.41
N LEU A 11 1.04 -1.94 -3.47
CA LEU A 11 0.84 -2.90 -4.54
C LEU A 11 -0.53 -3.60 -4.46
N ARG A 12 -1.16 -3.56 -3.29
CA ARG A 12 -2.44 -4.21 -3.12
C ARG A 12 -3.61 -3.30 -3.54
N ALA A 13 -3.51 -2.01 -3.17
CA ALA A 13 -4.53 -1.01 -3.54
C ALA A 13 -5.96 -1.50 -3.32
N TRP A 14 -6.41 -1.46 -2.08
CA TRP A 14 -7.76 -1.88 -1.71
C TRP A 14 -8.81 -1.03 -2.42
N LYS A 15 -8.88 0.24 -2.06
CA LYS A 15 -9.81 1.18 -2.66
C LYS A 15 -9.17 1.85 -3.86
N LYS A 16 -7.87 1.63 -4.01
CA LYS A 16 -7.06 2.31 -5.03
C LYS A 16 -6.88 3.77 -4.65
N TYR A 17 -7.01 4.03 -3.34
CA TYR A 17 -6.65 5.32 -2.74
C TYR A 17 -7.63 6.42 -3.15
N GLY A 18 -8.83 6.00 -3.51
CA GLY A 18 -9.91 6.93 -3.76
C GLY A 18 -11.10 6.60 -2.88
N GLY A 1 5.57 -6.06 7.34
CA GLY A 1 4.65 -4.92 7.12
C GLY A 1 5.09 -3.69 7.89
N GLY A 2 4.43 -2.57 7.64
CA GLY A 2 4.75 -1.36 8.37
C GLY A 2 5.20 -0.23 7.46
N LEU A 3 5.91 0.73 8.04
CA LEU A 3 6.32 1.93 7.31
C LEU A 3 7.30 1.61 6.18
N ARG A 4 8.15 0.61 6.37
CA ARG A 4 9.14 0.25 5.36
C ARG A 4 8.46 -0.48 4.19
N SER A 5 7.30 -1.04 4.47
CA SER A 5 6.52 -1.76 3.48
C SER A 5 5.70 -0.80 2.61
N LEU A 6 5.58 0.45 3.07
CA LEU A 6 4.65 1.44 2.50
C LEU A 6 4.55 1.36 0.97
N GLY A 7 5.68 1.45 0.28
CA GLY A 7 5.67 1.39 -1.18
C GLY A 7 5.01 0.14 -1.70
N ARG A 8 5.44 -1.01 -1.20
CA ARG A 8 4.88 -2.30 -1.59
C ARG A 8 3.43 -2.41 -1.12
N LYS A 9 3.16 -1.83 0.03
CA LYS A 9 1.85 -1.88 0.67
C LYS A 9 0.78 -1.19 -0.17
N ILE A 10 1.16 -0.09 -0.81
CA ILE A 10 0.24 0.65 -1.67
C ILE A 10 -0.10 -0.12 -2.94
N LEU A 11 0.89 -0.88 -3.44
CA LEU A 11 0.79 -1.54 -4.74
C LEU A 11 -0.41 -2.47 -4.84
N ARG A 12 -0.77 -3.14 -3.75
CA ARG A 12 -1.85 -4.13 -3.77
C ARG A 12 -3.20 -3.46 -4.04
N ALA A 13 -3.27 -2.15 -3.79
CA ALA A 13 -4.46 -1.35 -4.08
C ALA A 13 -5.71 -1.90 -3.40
N TRP A 14 -5.79 -1.74 -2.09
CA TRP A 14 -6.94 -2.17 -1.32
C TRP A 14 -8.18 -1.38 -1.76
N LYS A 15 -8.13 -0.06 -1.57
CA LYS A 15 -9.19 0.80 -2.05
C LYS A 15 -8.68 1.72 -3.17
N LYS A 16 -7.36 1.70 -3.37
CA LYS A 16 -6.72 2.41 -4.49
C LYS A 16 -7.16 3.87 -4.55
N TYR A 17 -6.82 4.63 -3.52
CA TYR A 17 -7.11 6.08 -3.44
C TYR A 17 -8.61 6.36 -3.41
N GLY A 18 -9.25 6.22 -4.56
CA GLY A 18 -10.67 6.50 -4.67
C GLY A 18 -11.35 5.53 -5.61
N GLY A 1 1.38 -5.03 6.19
CA GLY A 1 1.39 -3.86 5.27
C GLY A 1 2.71 -3.12 5.36
N GLY A 2 3.18 -2.89 6.57
CA GLY A 2 4.52 -2.39 6.80
C GLY A 2 4.67 -0.89 6.59
N LEU A 3 5.59 -0.28 7.34
CA LEU A 3 5.90 1.13 7.18
C LEU A 3 6.68 1.36 5.89
N ARG A 4 7.85 0.73 5.79
CA ARG A 4 8.67 0.83 4.58
C ARG A 4 8.12 -0.09 3.50
N SER A 5 7.32 -1.04 3.95
CA SER A 5 6.65 -2.00 3.08
C SER A 5 5.53 -1.32 2.29
N LEU A 6 5.19 -0.09 2.69
CA LEU A 6 4.10 0.70 2.11
C LEU A 6 3.98 0.54 0.59
N GLY A 7 5.10 0.59 -0.12
CA GLY A 7 5.08 0.45 -1.57
C GLY A 7 4.45 -0.85 -2.04
N ARG A 8 4.61 -1.89 -1.24
CA ARG A 8 4.01 -3.19 -1.55
C ARG A 8 2.62 -3.30 -0.94
N LYS A 9 2.38 -2.55 0.13
CA LYS A 9 1.06 -2.50 0.76
C LYS A 9 0.05 -1.89 -0.22
N ILE A 10 0.48 -0.86 -0.94
CA ILE A 10 -0.36 -0.21 -1.95
C ILE A 10 -0.62 -1.15 -3.12
N LEU A 11 0.37 -2.00 -3.40
CA LEU A 11 0.39 -2.84 -4.60
C LEU A 11 -0.85 -3.73 -4.72
N ARG A 12 -1.29 -4.31 -3.60
CA ARG A 12 -2.41 -5.24 -3.63
C ARG A 12 -3.73 -4.50 -3.91
N ALA A 13 -3.72 -3.19 -3.69
CA ALA A 13 -4.88 -2.34 -3.95
C ALA A 13 -6.11 -2.78 -3.18
N TRP A 14 -6.23 -2.32 -1.94
CA TRP A 14 -7.42 -2.56 -1.15
C TRP A 14 -8.55 -1.65 -1.63
N LYS A 15 -8.41 -0.36 -1.35
CA LYS A 15 -9.33 0.64 -1.90
C LYS A 15 -8.57 1.55 -2.87
N LYS A 16 -7.40 1.08 -3.31
CA LYS A 16 -6.61 1.72 -4.35
C LYS A 16 -6.32 3.18 -4.03
N TYR A 17 -5.70 3.40 -2.86
CA TYR A 17 -5.28 4.73 -2.37
C TYR A 17 -6.36 5.80 -2.55
N GLY A 18 -7.61 5.38 -2.54
CA GLY A 18 -8.71 6.32 -2.69
C GLY A 18 -9.48 6.50 -1.41
#